data_8H6R
#
_entry.id   8H6R
#
_cell.length_a   65.375
_cell.length_b   65.375
_cell.length_c   52.446
_cell.angle_alpha   90.000
_cell.angle_beta   90.000
_cell.angle_gamma   120.000
#
_symmetry.space_group_name_H-M   'P 61'
#
loop_
_entity.id
_entity.type
_entity.pdbx_description
1 polymer 'Transcription elongation factor TFIIS'
2 water water
#
_entity_poly.entity_id   1
_entity_poly.type   'polypeptide(L)'
_entity_poly.pdbx_seq_one_letter_code
;MESDLIDLFEGAKKAADAAALDGVTSSGPEVSQCIDALKQLKKFPVTYDTLVATQVGKKLRSLAKHPVEDIKSVATDLLE
IWKKVVI
;
_entity_poly.pdbx_strand_id   A
#
# COMPACT_ATOMS: atom_id res chain seq x y z
N MET A 1 -5.58 -14.73 2.17
CA MET A 1 -4.43 -15.34 2.92
C MET A 1 -3.38 -14.27 3.23
N GLU A 2 -2.56 -14.55 4.24
CA GLU A 2 -1.53 -13.60 4.65
C GLU A 2 -0.42 -13.55 3.61
N SER A 3 -0.15 -14.68 2.96
CA SER A 3 0.90 -14.70 1.94
C SER A 3 0.52 -13.76 0.80
N ASP A 4 -0.76 -13.74 0.41
CA ASP A 4 -1.20 -12.82 -0.63
C ASP A 4 -1.08 -11.37 -0.17
N LEU A 5 -1.44 -11.09 1.08
CA LEU A 5 -1.27 -9.74 1.62
C LEU A 5 0.18 -9.31 1.51
N ILE A 6 1.11 -10.16 1.97
CA ILE A 6 2.52 -9.82 1.94
C ILE A 6 2.97 -9.58 0.51
N ASP A 7 2.59 -10.47 -0.42
CA ASP A 7 3.03 -10.34 -1.80
C ASP A 7 2.52 -9.04 -2.43
N LEU A 8 1.24 -8.73 -2.22
CA LEU A 8 0.68 -7.51 -2.80
C LEU A 8 1.35 -6.28 -2.21
N PHE A 9 1.63 -6.29 -0.91
CA PHE A 9 2.30 -5.14 -0.34
C PHE A 9 3.72 -5.02 -0.87
N GLU A 10 4.40 -6.15 -1.07
CA GLU A 10 5.75 -6.10 -1.63
C GLU A 10 5.74 -5.50 -3.01
N GLY A 11 4.77 -5.90 -3.85
CA GLY A 11 4.64 -5.27 -5.15
C GLY A 11 4.42 -3.78 -5.05
N ALA A 12 3.48 -3.38 -4.18
CA ALA A 12 3.18 -1.96 -4.02
C ALA A 12 4.42 -1.18 -3.58
N LYS A 13 5.18 -1.71 -2.63
CA LYS A 13 6.35 -1.00 -2.13
C LYS A 13 7.45 -0.93 -3.18
N LYS A 14 7.70 -2.04 -3.88
CA LYS A 14 8.65 -2.02 -4.98
C LYS A 14 8.30 -0.92 -5.97
N ALA A 15 7.01 -0.83 -6.34
CA ALA A 15 6.59 0.17 -7.31
C ALA A 15 6.77 1.58 -6.78
N ALA A 16 6.25 1.85 -5.58
CA ALA A 16 6.39 3.19 -4.98
C ALA A 16 7.87 3.58 -4.89
N ASP A 17 8.73 2.62 -4.59
CA ASP A 17 10.13 2.91 -4.35
C ASP A 17 10.89 3.15 -5.65
N ALA A 18 10.60 2.37 -6.69
CA ALA A 18 11.14 2.68 -8.00
C ALA A 18 10.67 4.04 -8.48
N ALA A 19 9.42 4.39 -8.17
CA ALA A 19 8.90 5.69 -8.58
C ALA A 19 9.61 6.83 -7.87
N ALA A 20 9.91 6.64 -6.58
CA ALA A 20 10.60 7.70 -5.84
C ALA A 20 12.07 7.79 -6.23
N LEU A 21 12.71 6.65 -6.53
CA LEU A 21 14.13 6.68 -6.87
C LEU A 21 14.39 7.08 -8.30
N ASP A 22 13.49 6.71 -9.22
CA ASP A 22 13.64 7.07 -10.63
C ASP A 22 13.01 8.41 -10.97
N GLY A 23 12.51 9.14 -9.97
CA GLY A 23 11.92 10.43 -10.20
C GLY A 23 10.77 10.38 -11.19
N VAL A 24 9.78 9.54 -10.91
CA VAL A 24 8.64 9.35 -11.80
C VAL A 24 7.51 10.27 -11.35
N THR A 25 6.81 10.84 -12.33
CA THR A 25 5.69 11.71 -12.05
C THR A 25 4.41 10.88 -11.90
N SER A 26 3.29 11.57 -11.62
CA SER A 26 2.03 10.86 -11.42
C SER A 26 1.61 10.07 -12.65
N SER A 27 2.01 10.53 -13.84
CA SER A 27 1.67 9.85 -15.09
C SER A 27 2.60 8.70 -15.42
N GLY A 28 3.43 8.25 -14.47
CA GLY A 28 4.38 7.19 -14.72
C GLY A 28 3.79 5.82 -14.47
N PRO A 29 4.38 4.79 -15.09
CA PRO A 29 3.82 3.44 -14.93
C PRO A 29 4.01 2.88 -13.53
N GLU A 30 5.13 3.19 -12.88
CA GLU A 30 5.35 2.70 -11.52
C GLU A 30 4.27 3.20 -10.58
N VAL A 31 3.88 4.47 -10.72
CA VAL A 31 2.80 5.00 -9.92
C VAL A 31 1.52 4.21 -10.16
N SER A 32 1.22 3.89 -11.42
CA SER A 32 -0.01 3.15 -11.72
C SER A 32 0.03 1.76 -11.09
N GLN A 33 1.17 1.08 -11.17
CA GLN A 33 1.28 -0.25 -10.57
C GLN A 33 1.10 -0.17 -9.06
N CYS A 34 1.73 0.81 -8.41
CA CYS A 34 1.53 0.98 -6.98
C CYS A 34 0.07 1.25 -6.64
N ILE A 35 -0.58 2.11 -7.42
CA ILE A 35 -1.98 2.44 -7.19
C ILE A 35 -2.83 1.17 -7.25
N ASP A 36 -2.66 0.38 -8.31
CA ASP A 36 -3.44 -0.84 -8.45
C ASP A 36 -3.19 -1.80 -7.29
N ALA A 37 -1.91 -2.03 -6.97
CA ALA A 37 -1.57 -2.92 -5.87
C ALA A 37 -2.25 -2.46 -4.58
N LEU A 38 -2.26 -1.16 -4.32
CA LEU A 38 -2.89 -0.65 -3.11
C LEU A 38 -4.40 -0.81 -3.16
N LYS A 39 -4.99 -0.74 -4.35
CA LYS A 39 -6.44 -0.88 -4.45
C LYS A 39 -6.89 -2.30 -4.22
N GLN A 40 -6.15 -3.29 -4.72
CA GLN A 40 -6.51 -4.68 -4.43
C GLN A 40 -6.47 -4.96 -2.94
N LEU A 41 -5.50 -4.36 -2.24
CA LEU A 41 -5.37 -4.61 -0.81
C LEU A 41 -6.60 -4.18 -0.04
N LYS A 42 -7.33 -3.17 -0.55
CA LYS A 42 -8.52 -2.71 0.14
C LYS A 42 -9.50 -3.85 0.39
N LYS A 43 -9.67 -4.73 -0.59
CA LYS A 43 -10.64 -5.82 -0.52
C LYS A 43 -10.22 -6.93 0.42
N PHE A 44 -9.01 -6.90 0.96
CA PHE A 44 -8.51 -7.98 1.80
C PHE A 44 -9.15 -7.89 3.17
N PRO A 45 -9.84 -8.94 3.65
CA PRO A 45 -10.47 -8.88 4.99
C PRO A 45 -9.44 -9.05 6.10
N VAL A 46 -8.60 -8.03 6.30
CA VAL A 46 -7.54 -8.11 7.29
C VAL A 46 -8.16 -8.20 8.69
N THR A 47 -7.44 -8.83 9.60
CA THR A 47 -7.80 -8.89 11.01
C THR A 47 -6.63 -8.36 11.83
N TYR A 48 -6.89 -8.14 13.11
CA TYR A 48 -5.85 -7.61 13.99
C TYR A 48 -4.62 -8.51 14.00
N ASP A 49 -4.82 -9.80 14.28
CA ASP A 49 -3.69 -10.73 14.32
C ASP A 49 -2.97 -10.78 12.98
N THR A 50 -3.69 -10.62 11.87
CA THR A 50 -3.03 -10.53 10.58
C THR A 50 -2.08 -9.36 10.54
N LEU A 51 -2.52 -8.20 11.05
CA LEU A 51 -1.66 -7.02 11.03
C LEU A 51 -0.51 -7.15 12.02
N VAL A 52 -0.67 -7.96 13.06
CA VAL A 52 0.45 -8.20 13.96
C VAL A 52 1.48 -9.10 13.29
N ALA A 53 1.03 -10.18 12.65
CA ALA A 53 1.95 -11.16 12.09
C ALA A 53 2.64 -10.62 10.85
N THR A 54 1.92 -9.87 10.02
CA THR A 54 2.46 -9.40 8.75
C THR A 54 3.07 -8.00 8.84
N GLN A 55 2.58 -7.16 9.74
CA GLN A 55 3.01 -5.79 9.93
C GLN A 55 2.74 -4.92 8.69
N VAL A 56 1.94 -5.41 7.75
CA VAL A 56 1.67 -4.65 6.53
C VAL A 56 1.03 -3.31 6.87
N GLY A 57 0.16 -3.30 7.88
CA GLY A 57 -0.43 -2.05 8.30
C GLY A 57 0.61 -1.02 8.70
N LYS A 58 1.56 -1.43 9.56
CA LYS A 58 2.65 -0.54 9.93
C LYS A 58 3.43 -0.10 8.69
N LYS A 59 3.79 -1.06 7.84
CA LYS A 59 4.63 -0.75 6.70
C LYS A 59 3.93 0.16 5.69
N LEU A 60 2.60 0.29 5.76
CA LEU A 60 1.90 1.15 4.84
C LEU A 60 2.01 2.63 5.19
N ARG A 61 2.42 2.96 6.42
CA ARG A 61 2.62 4.35 6.79
C ARG A 61 3.65 5.01 5.89
N SER A 62 4.72 4.28 5.56
CA SER A 62 5.73 4.80 4.65
C SER A 62 5.10 5.25 3.33
N LEU A 63 4.31 4.36 2.71
CA LEU A 63 3.61 4.75 1.48
C LEU A 63 2.68 5.92 1.73
N ALA A 64 2.07 6.01 2.92
CA ALA A 64 1.26 7.16 3.28
C ALA A 64 2.08 8.42 3.45
N LYS A 65 3.40 8.33 3.46
CA LYS A 65 4.27 9.50 3.42
C LYS A 65 5.10 9.55 2.13
N HIS A 66 4.58 9.01 1.04
CA HIS A 66 5.30 8.98 -0.22
C HIS A 66 5.34 10.39 -0.82
N PRO A 67 6.41 10.71 -1.56
CA PRO A 67 6.47 12.04 -2.20
C PRO A 67 5.41 12.24 -3.28
N VAL A 68 5.02 11.18 -3.99
CA VAL A 68 3.99 11.28 -5.02
C VAL A 68 2.63 11.34 -4.33
N GLU A 69 1.86 12.37 -4.65
CA GLU A 69 0.61 12.60 -3.93
C GLU A 69 -0.43 11.53 -4.24
N ASP A 70 -0.44 10.99 -5.46
CA ASP A 70 -1.41 9.95 -5.80
C ASP A 70 -1.23 8.73 -4.90
N ILE A 71 0.01 8.26 -4.80
CA ILE A 71 0.31 7.10 -3.95
C ILE A 71 -0.02 7.41 -2.50
N LYS A 72 0.39 8.59 -2.02
CA LYS A 72 0.11 8.98 -0.65
C LYS A 72 -1.39 8.97 -0.37
N SER A 73 -2.18 9.54 -1.27
CA SER A 73 -3.63 9.63 -1.06
C SER A 73 -4.26 8.24 -1.02
N VAL A 74 -3.90 7.38 -1.98
CA VAL A 74 -4.51 6.05 -2.00
C VAL A 74 -4.04 5.22 -0.80
N ALA A 75 -2.81 5.43 -0.33
CA ALA A 75 -2.35 4.72 0.86
C ALA A 75 -3.11 5.18 2.09
N THR A 76 -3.35 6.49 2.21
CA THR A 76 -4.18 6.99 3.30
C THR A 76 -5.57 6.37 3.24
N ASP A 77 -6.14 6.25 2.05
CA ASP A 77 -7.48 5.66 1.92
C ASP A 77 -7.48 4.19 2.33
N LEU A 78 -6.47 3.45 1.88
CA LEU A 78 -6.35 2.04 2.28
C LEU A 78 -6.25 1.92 3.80
N LEU A 79 -5.43 2.77 4.43
CA LEU A 79 -5.32 2.73 5.88
C LEU A 79 -6.64 3.08 6.54
N GLU A 80 -7.36 4.06 5.98
CA GLU A 80 -8.67 4.42 6.53
C GLU A 80 -9.63 3.23 6.53
N ILE A 81 -9.65 2.48 5.42
CA ILE A 81 -10.53 1.32 5.37
C ILE A 81 -10.10 0.27 6.39
N TRP A 82 -8.83 -0.14 6.33
CA TRP A 82 -8.35 -1.16 7.25
C TRP A 82 -8.62 -0.77 8.69
N LYS A 83 -8.39 0.51 9.02
CA LYS A 83 -8.73 1.05 10.34
C LYS A 83 -10.11 0.60 10.80
N LYS A 84 -11.15 0.99 10.07
CA LYS A 84 -12.50 0.63 10.46
C LYS A 84 -12.71 -0.88 10.48
N VAL A 85 -11.93 -1.62 9.70
CA VAL A 85 -12.11 -3.06 9.69
C VAL A 85 -11.56 -3.69 10.98
N VAL A 86 -10.37 -3.25 11.43
CA VAL A 86 -9.70 -3.98 12.49
C VAL A 86 -10.25 -3.59 13.86
N ILE A 87 -10.53 -2.31 14.06
CA ILE A 87 -11.03 -1.88 15.37
C ILE A 87 -12.38 -2.61 15.56
#